data_2QSI
#
_entry.id   2QSI
#
_cell.length_a   31.575
_cell.length_b   41.126
_cell.length_c   46.850
_cell.angle_alpha   107.72
_cell.angle_beta   99.85
_cell.angle_gamma   101.75
#
_symmetry.space_group_name_H-M   'P 1'
#
loop_
_entity.id
_entity.type
_entity.pdbx_description
1 polymer 'Putative hydrogenase expression/formation protein hupG'
2 non-polymer 2,3-DIHYDROXY-1,4-DITHIOBUTANE
3 non-polymer GLYCEROL
4 water water
#
_entity_poly.entity_id   1
_entity_poly.type   'polypeptide(L)'
_entity_poly.pdbx_seq_one_letter_code
;GH(MSE)SGSLARAAARPNAPTLVDEATVDDFIAHSGKIVVLFFRGDAVRFPEAADLAVVLPELINAFPGRLVAAEVAAE
AERGL(MSE)ARFGVAVCPSLAVVQPERTLGVIAKIQDWSSYLAQIGA(MSE)LAEVDQPGEAELQSGS
;
_entity_poly.pdbx_strand_id   A,B
#
# COMPACT_ATOMS: atom_id res chain seq x y z
N PRO A 17 3.10 11.62 15.70
CA PRO A 17 3.38 10.80 16.87
C PRO A 17 2.06 10.42 17.51
N THR A 18 1.33 9.54 16.87
CA THR A 18 0.17 8.98 17.48
C THR A 18 0.63 7.69 18.06
N LEU A 19 -0.30 7.05 18.76
CA LEU A 19 -0.15 5.70 19.17
C LEU A 19 -1.18 4.88 18.40
N VAL A 20 -0.72 3.85 17.69
CA VAL A 20 -1.61 2.97 16.95
C VAL A 20 -1.57 1.50 17.40
N ASP A 21 -2.67 0.82 17.16
CA ASP A 21 -2.77 -0.62 17.42
C ASP A 21 -3.27 -1.36 16.19
N GLU A 22 -3.46 -2.66 16.32
CA GLU A 22 -3.95 -3.47 15.19
C GLU A 22 -5.35 -3.02 14.73
N ALA A 23 -6.12 -2.39 15.63
CA ALA A 23 -7.46 -1.89 15.27
C ALA A 23 -7.45 -0.55 14.52
N THR A 24 -6.46 0.29 14.80
CA THR A 24 -6.41 1.66 14.24
C THR A 24 -5.31 1.93 13.22
N VAL A 25 -4.33 1.04 13.08
CA VAL A 25 -3.21 1.29 12.13
C VAL A 25 -3.63 1.32 10.64
N ASP A 26 -4.53 0.41 10.23
CA ASP A 26 -4.89 0.34 8.78
C ASP A 26 -5.32 1.68 8.25
N ASP A 27 -6.32 2.28 8.90
CA ASP A 27 -6.85 3.57 8.45
C ASP A 27 -5.80 4.68 8.64
N PHE A 28 -4.97 4.60 9.70
CA PHE A 28 -3.91 5.60 9.89
C PHE A 28 -3.03 5.69 8.64
N ILE A 29 -2.59 4.55 8.16
CA ILE A 29 -1.67 4.48 7.05
C ILE A 29 -2.36 4.87 5.79
N ALA A 30 -3.51 4.24 5.56
CA ALA A 30 -4.12 4.32 4.24
C ALA A 30 -4.48 5.77 3.89
N HIS A 31 -4.91 6.55 4.90
CA HIS A 31 -5.33 7.96 4.67
C HIS A 31 -4.39 9.08 5.19
N SER A 32 -3.12 8.75 5.41
CA SER A 32 -2.10 9.74 5.80
C SER A 32 -1.71 10.70 4.68
N GLY A 33 -1.75 10.22 3.43
CA GLY A 33 -1.24 10.96 2.29
C GLY A 33 0.26 11.22 2.35
N LYS A 34 0.95 10.46 3.18
CA LYS A 34 2.36 10.65 3.41
C LYS A 34 2.93 9.28 3.61
N ILE A 35 4.24 9.17 3.53
CA ILE A 35 4.94 7.92 3.91
C ILE A 35 4.91 7.87 5.44
N VAL A 36 4.56 6.71 5.96
CA VAL A 36 4.44 6.48 7.37
C VAL A 36 5.68 5.85 7.99
N VAL A 37 6.10 6.42 9.11
CA VAL A 37 7.17 5.84 9.89
C VAL A 37 6.54 5.23 11.16
N LEU A 38 6.58 3.90 11.23
CA LEU A 38 6.06 3.20 12.39
C LEU A 38 7.21 2.90 13.30
N PHE A 39 7.06 3.34 14.55
CA PHE A 39 8.04 3.19 15.62
C PHE A 39 7.67 2.01 16.51
N PHE A 40 8.53 0.99 16.46
CA PHE A 40 8.49 -0.16 17.39
C PHE A 40 9.49 0.08 18.50
N ARG A 41 8.94 0.30 19.69
CA ARG A 41 9.70 0.74 20.84
C ARG A 41 10.21 -0.45 21.64
N GLY A 42 9.31 -1.13 22.34
CA GLY A 42 9.69 -2.20 23.23
C GLY A 42 9.70 -1.84 24.71
N ASP A 43 9.73 -2.88 25.53
CA ASP A 43 9.79 -2.72 26.98
C ASP A 43 11.00 -1.89 27.42
N ALA A 44 10.80 -1.03 28.43
CA ALA A 44 11.81 -0.08 28.94
C ALA A 44 12.98 -0.80 29.62
N VAL A 45 12.75 -1.97 30.19
CA VAL A 45 13.81 -2.73 30.90
C VAL A 45 14.68 -3.47 29.89
N ARG A 46 14.04 -4.10 28.90
CA ARG A 46 14.77 -4.80 27.85
C ARG A 46 15.41 -3.88 26.83
N PHE A 47 14.70 -2.77 26.49
CA PHE A 47 15.11 -1.84 25.42
C PHE A 47 15.05 -0.37 25.89
N PRO A 48 15.82 -0.04 26.93
CA PRO A 48 15.74 1.33 27.46
C PRO A 48 16.19 2.37 26.43
N GLU A 49 17.09 1.98 25.55
CA GLU A 49 17.61 2.87 24.49
C GLU A 49 16.54 3.25 23.44
N ALA A 50 15.42 2.52 23.41
CA ALA A 50 14.29 2.86 22.52
C ALA A 50 13.77 4.26 22.80
N ALA A 51 13.86 4.69 24.04
CA ALA A 51 13.49 6.08 24.38
C ALA A 51 14.35 7.11 23.61
N ASP A 52 15.59 6.77 23.33
CA ASP A 52 16.46 7.67 22.57
C ASP A 52 15.96 7.85 21.14
N LEU A 53 15.45 6.76 20.57
CA LEU A 53 14.87 6.78 19.22
C LEU A 53 13.57 7.56 19.24
N ALA A 54 12.79 7.39 20.31
CA ALA A 54 11.56 8.17 20.50
C ALA A 54 11.77 9.70 20.50
N VAL A 55 12.83 10.14 21.15
CA VAL A 55 13.12 11.58 21.23
C VAL A 55 13.55 12.10 19.87
N VAL A 56 14.30 11.31 19.10
CA VAL A 56 14.70 11.77 17.77
C VAL A 56 13.68 11.61 16.66
N LEU A 57 12.66 10.81 16.89
CA LEU A 57 11.72 10.48 15.81
C LEU A 57 11.03 11.73 15.26
N PRO A 58 10.51 12.62 16.15
CA PRO A 58 9.87 13.84 15.61
C PRO A 58 10.86 14.74 14.85
N GLU A 59 12.14 14.72 15.21
CA GLU A 59 13.18 15.50 14.50
C GLU A 59 13.42 14.91 13.12
N LEU A 60 13.38 13.57 13.04
CA LEU A 60 13.50 12.87 11.74
C LEU A 60 12.34 13.18 10.81
N ILE A 61 11.13 13.13 11.32
CA ILE A 61 9.94 13.47 10.53
C ILE A 61 10.09 14.90 9.98
N ASN A 62 10.54 15.80 10.84
CA ASN A 62 10.62 17.22 10.50
C ASN A 62 11.66 17.49 9.42
N ALA A 63 12.60 16.57 9.26
CA ALA A 63 13.76 16.80 8.41
C ALA A 63 13.43 16.54 6.94
N PHE A 64 12.20 16.09 6.69
CA PHE A 64 11.73 15.85 5.33
C PHE A 64 10.36 16.48 5.10
N PRO A 65 10.31 17.80 5.06
CA PRO A 65 9.06 18.53 5.23
C PRO A 65 7.98 18.03 4.26
N GLY A 66 6.90 17.47 4.82
CA GLY A 66 5.72 17.17 4.03
C GLY A 66 5.66 15.73 3.59
N ARG A 67 6.73 15.00 3.83
CA ARG A 67 6.90 13.64 3.26
C ARG A 67 6.49 12.52 4.19
N LEU A 68 6.54 12.78 5.49
CA LEU A 68 6.46 11.70 6.51
C LEU A 68 5.49 12.04 7.62
N VAL A 69 4.99 10.98 8.26
CA VAL A 69 4.19 11.09 9.47
C VAL A 69 4.52 9.89 10.32
N ALA A 70 4.52 10.08 11.64
CA ALA A 70 4.95 9.02 12.55
C ALA A 70 3.82 8.51 13.41
N ALA A 71 3.91 7.26 13.77
CA ALA A 71 3.07 6.65 14.79
C ALA A 71 3.88 5.60 15.54
N GLU A 72 3.63 5.51 16.84
CA GLU A 72 4.22 4.50 17.71
C GLU A 72 3.25 3.33 17.75
N VAL A 73 3.79 2.12 17.70
CA VAL A 73 3.03 0.89 17.77
C VAL A 73 2.74 0.55 19.23
N ALA A 74 1.46 0.37 19.54
CA ALA A 74 1.01 -0.11 20.88
C ALA A 74 1.70 -1.46 21.23
N ALA A 75 2.01 -1.64 22.51
CA ALA A 75 2.79 -2.81 22.94
C ALA A 75 2.14 -4.14 22.53
N GLU A 76 0.84 -4.24 22.70
CA GLU A 76 0.11 -5.48 22.38
C GLU A 76 0.05 -5.74 20.87
N ALA A 77 0.25 -4.68 20.07
CA ALA A 77 0.24 -4.75 18.60
C ALA A 77 1.58 -5.13 17.98
N GLU A 78 2.64 -5.11 18.80
CA GLU A 78 3.99 -5.33 18.32
C GLU A 78 4.15 -6.63 17.53
N ARG A 79 3.74 -7.75 18.10
CA ARG A 79 4.02 -9.04 17.47
C ARG A 79 3.41 -9.11 16.08
N GLY A 80 2.13 -8.78 15.99
CA GLY A 80 1.42 -8.84 14.72
C GLY A 80 1.90 -7.82 13.71
N LEU A 81 2.24 -6.61 14.15
CA LEU A 81 2.66 -5.60 13.19
C LEU A 81 4.10 -5.81 12.71
N ALA A 83 5.42 -8.72 12.26
CA ALA A 83 5.19 -9.78 11.27
C ALA A 83 4.66 -9.21 9.97
N ARG A 84 3.67 -8.34 10.07
CA ARG A 84 3.07 -7.78 8.87
C ARG A 84 4.04 -6.91 8.09
N PHE A 85 4.80 -6.07 8.79
CA PHE A 85 5.59 -5.07 8.13
C PHE A 85 7.03 -5.49 7.88
N GLY A 86 7.44 -6.67 8.32
CA GLY A 86 8.78 -7.19 8.11
C GLY A 86 9.84 -6.69 9.08
N VAL A 87 9.46 -6.47 10.33
CA VAL A 87 10.36 -5.97 11.37
C VAL A 87 10.83 -7.17 12.19
N ALA A 88 12.14 -7.31 12.31
CA ALA A 88 12.78 -8.46 12.96
C ALA A 88 12.96 -8.25 14.45
N VAL A 89 13.37 -7.04 14.84
CA VAL A 89 13.74 -6.75 16.23
C VAL A 89 13.25 -5.36 16.67
N CYS A 90 13.27 -5.11 17.99
CA CYS A 90 12.99 -3.80 18.53
C CYS A 90 14.22 -3.26 19.22
N PRO A 91 14.34 -1.94 19.31
CA PRO A 91 13.50 -0.94 18.63
C PRO A 91 13.84 -0.90 17.13
N SER A 92 12.87 -0.50 16.32
CA SER A 92 13.01 -0.32 14.90
C SER A 92 12.08 0.81 14.42
N LEU A 93 12.44 1.42 13.30
CA LEU A 93 11.50 2.16 12.46
C LEU A 93 11.14 1.34 11.19
N ALA A 94 9.85 1.17 10.93
CA ALA A 94 9.41 0.59 9.66
C ALA A 94 8.83 1.72 8.83
N VAL A 95 9.39 1.95 7.62
CA VAL A 95 8.96 3.01 6.70
C VAL A 95 8.01 2.38 5.69
N VAL A 96 6.78 2.85 5.67
CA VAL A 96 5.69 2.17 4.94
C VAL A 96 5.01 3.14 3.96
N GLN A 97 4.88 2.74 2.70
CA GLN A 97 4.17 3.52 1.74
C GLN A 97 2.72 3.04 1.69
N PRO A 98 1.76 3.96 1.94
CA PRO A 98 0.36 3.60 1.86
C PRO A 98 -0.05 3.13 0.47
N GLU A 99 -1.14 2.38 0.42
CA GLU A 99 -1.69 1.99 -0.88
C GLU A 99 -2.17 3.26 -1.61
N ARG A 100 -2.18 3.21 -2.94
CA ARG A 100 -2.64 4.36 -3.73
C ARG A 100 -3.33 3.85 -4.96
N THR A 101 -4.51 4.38 -5.24
CA THR A 101 -5.22 4.05 -6.48
C THR A 101 -4.58 4.91 -7.58
N LEU A 102 -3.92 4.27 -8.53
CA LEU A 102 -3.27 4.96 -9.63
C LEU A 102 -4.29 5.48 -10.65
N GLY A 103 -5.43 4.81 -10.71
CA GLY A 103 -6.43 5.16 -11.69
C GLY A 103 -7.55 4.14 -11.63
N VAL A 104 -8.69 4.54 -12.19
CA VAL A 104 -9.84 3.62 -12.35
C VAL A 104 -10.26 3.74 -13.80
N ILE A 105 -10.37 2.60 -14.48
CA ILE A 105 -10.81 2.57 -15.86
C ILE A 105 -12.25 2.05 -15.97
N ALA A 106 -13.20 2.98 -16.05
CA ALA A 106 -14.60 2.66 -15.80
C ALA A 106 -15.37 2.45 -17.10
N LYS A 107 -16.37 1.59 -17.06
CA LYS A 107 -17.14 1.25 -18.25
C LYS A 107 -16.29 0.49 -19.26
N ILE A 108 -16.94 -0.03 -20.29
CA ILE A 108 -16.29 -0.95 -21.22
C ILE A 108 -15.56 -0.19 -22.33
N GLN A 109 -14.26 -0.43 -22.44
CA GLN A 109 -13.42 0.31 -23.38
C GLN A 109 -12.78 -0.64 -24.41
N ASP A 110 -12.14 -0.10 -25.45
CA ASP A 110 -11.46 -0.99 -26.41
C ASP A 110 -10.06 -1.37 -25.91
N TRP A 111 -9.54 -2.45 -26.48
CA TRP A 111 -8.25 -3.06 -26.09
C TRP A 111 -7.11 -2.03 -26.07
N SER A 112 -7.05 -1.23 -27.14
CA SER A 112 -6.00 -0.21 -27.27
C SER A 112 -6.02 0.81 -26.12
N SER A 113 -7.23 1.24 -25.75
CA SER A 113 -7.44 2.16 -24.65
CA SER A 113 -7.46 2.16 -24.62
C SER A 113 -7.00 1.56 -23.30
N TYR A 114 -7.35 0.28 -23.08
CA TYR A 114 -6.87 -0.38 -21.83
C TYR A 114 -5.35 -0.37 -21.77
N LEU A 115 -4.73 -0.78 -22.87
CA LEU A 115 -3.25 -0.85 -22.91
C LEU A 115 -2.61 0.52 -22.73
N ALA A 116 -3.17 1.55 -23.37
CA ALA A 116 -2.63 2.91 -23.23
C ALA A 116 -2.75 3.42 -21.78
N GLN A 117 -3.90 3.19 -21.15
CA GLN A 117 -4.12 3.67 -19.79
C GLN A 117 -3.27 2.93 -18.80
N ILE A 118 -3.24 1.61 -18.89
CA ILE A 118 -2.37 0.84 -17.99
C ILE A 118 -0.92 1.22 -18.18
N GLY A 119 -0.49 1.30 -19.45
CA GLY A 119 0.87 1.70 -19.76
C GLY A 119 1.23 3.03 -19.15
N ALA A 120 0.33 4.00 -19.25
CA ALA A 120 0.57 5.33 -18.74
C ALA A 120 0.74 5.32 -17.22
N LEU A 122 1.70 2.71 -15.34
CA LEU A 122 2.98 2.06 -15.06
C LEU A 122 4.15 3.02 -15.33
N ALA A 123 4.05 3.86 -16.36
CA ALA A 123 5.09 4.87 -16.63
C ALA A 123 5.21 5.86 -15.47
N GLU A 124 4.08 6.28 -14.92
CA GLU A 124 4.11 7.23 -13.81
C GLU A 124 4.76 6.58 -12.58
N VAL A 125 4.46 5.31 -12.33
CA VAL A 125 5.15 4.54 -11.29
C VAL A 125 6.67 4.56 -11.52
N ASP A 126 7.08 4.32 -12.77
CA ASP A 126 8.50 4.13 -13.08
C ASP A 126 9.26 5.44 -13.22
N GLN A 127 8.58 6.51 -13.62
CA GLN A 127 9.23 7.82 -13.69
C GLN A 127 8.27 8.88 -13.16
N PRO A 128 8.12 8.96 -11.82
CA PRO A 128 7.18 9.93 -11.23
C PRO A 128 7.72 11.37 -11.18
N PRO B 17 -9.03 -14.19 -13.08
CA PRO B 17 -8.55 -13.64 -11.78
C PRO B 17 -9.37 -14.15 -10.63
N THR B 18 -8.68 -14.49 -9.54
CA THR B 18 -9.35 -15.03 -8.37
C THR B 18 -10.29 -14.02 -7.66
N LEU B 19 -11.33 -14.57 -7.05
CA LEU B 19 -12.30 -13.76 -6.28
C LEU B 19 -11.69 -13.43 -4.94
N VAL B 20 -11.76 -12.17 -4.57
CA VAL B 20 -11.32 -11.70 -3.27
C VAL B 20 -12.48 -10.92 -2.60
N ASP B 21 -12.43 -10.85 -1.27
CA ASP B 21 -13.36 -10.04 -0.53
C ASP B 21 -12.57 -9.14 0.44
N GLU B 22 -13.27 -8.43 1.32
CA GLU B 22 -12.58 -7.48 2.20
C GLU B 22 -11.66 -8.20 3.16
N ALA B 23 -11.98 -9.44 3.51
CA ALA B 23 -11.17 -10.25 4.42
C ALA B 23 -9.95 -10.91 3.79
N THR B 24 -9.96 -11.11 2.46
CA THR B 24 -8.93 -11.89 1.77
C THR B 24 -8.03 -11.07 0.85
N VAL B 25 -8.46 -9.88 0.48
CA VAL B 25 -7.76 -9.13 -0.55
C VAL B 25 -6.33 -8.83 -0.13
N ASP B 26 -6.12 -8.42 1.13
CA ASP B 26 -4.78 -7.96 1.54
C ASP B 26 -3.78 -9.13 1.59
N ASP B 27 -4.22 -10.29 2.09
CA ASP B 27 -3.34 -11.46 2.08
C ASP B 27 -3.05 -11.88 0.62
N PHE B 28 -4.04 -11.75 -0.26
CA PHE B 28 -3.89 -12.17 -1.66
C PHE B 28 -2.78 -11.41 -2.36
N ILE B 29 -2.78 -10.10 -2.16
CA ILE B 29 -1.79 -9.27 -2.86
C ILE B 29 -0.45 -9.08 -2.13
N ALA B 30 -0.35 -9.56 -0.90
CA ALA B 30 0.85 -9.39 -0.07
C ALA B 30 2.09 -9.92 -0.79
N HIS B 31 3.16 -9.12 -0.75
CA HIS B 31 4.50 -9.53 -1.25
C HIS B 31 4.59 -9.83 -2.73
N SER B 32 3.63 -9.35 -3.52
CA SER B 32 3.64 -9.52 -4.97
C SER B 32 4.73 -8.68 -5.65
N GLY B 33 5.06 -7.53 -5.07
CA GLY B 33 5.91 -6.56 -5.78
C GLY B 33 5.34 -6.09 -7.12
N LYS B 34 4.01 -6.24 -7.25
CA LYS B 34 3.29 -5.91 -8.48
C LYS B 34 2.20 -4.87 -8.21
N ILE B 35 1.64 -4.35 -9.30
CA ILE B 35 0.52 -3.43 -9.27
C ILE B 35 -0.70 -4.32 -9.39
N VAL B 36 -1.73 -4.01 -8.60
CA VAL B 36 -2.91 -4.83 -8.49
C VAL B 36 -4.00 -4.25 -9.37
N VAL B 37 -4.69 -5.10 -10.15
CA VAL B 37 -5.81 -4.69 -10.97
C VAL B 37 -7.02 -5.38 -10.36
N LEU B 38 -7.91 -4.60 -9.76
CA LEU B 38 -9.10 -5.10 -9.11
C LEU B 38 -10.29 -4.86 -10.03
N PHE B 39 -10.97 -5.94 -10.40
CA PHE B 39 -12.10 -5.91 -11.31
C PHE B 39 -13.40 -5.87 -10.52
N PHE B 40 -14.17 -4.80 -10.72
CA PHE B 40 -15.51 -4.65 -10.19
C PHE B 40 -16.42 -4.94 -11.34
N ARG B 41 -17.15 -6.05 -11.21
CA ARG B 41 -17.94 -6.58 -12.29
C ARG B 41 -19.35 -5.97 -12.22
N GLY B 42 -20.12 -6.44 -11.25
CA GLY B 42 -21.46 -5.97 -11.02
C GLY B 42 -22.48 -6.99 -11.46
N ASP B 43 -23.70 -6.79 -10.97
CA ASP B 43 -24.88 -7.61 -11.33
C ASP B 43 -25.05 -7.71 -12.87
N ALA B 44 -25.31 -8.92 -13.37
CA ALA B 44 -25.48 -9.21 -14.80
C ALA B 44 -26.61 -8.45 -15.46
N VAL B 45 -27.62 -8.09 -14.68
CA VAL B 45 -28.83 -7.45 -15.20
C VAL B 45 -28.56 -5.97 -15.47
N ARG B 46 -27.86 -5.32 -14.55
CA ARG B 46 -27.50 -3.90 -14.69
C ARG B 46 -26.19 -3.64 -15.41
N PHE B 47 -25.26 -4.61 -15.37
CA PHE B 47 -23.93 -4.44 -15.96
C PHE B 47 -23.54 -5.66 -16.82
N PRO B 48 -24.37 -5.99 -17.81
CA PRO B 48 -24.08 -7.15 -18.67
C PRO B 48 -22.73 -7.03 -19.37
N GLU B 49 -22.34 -5.82 -19.67
CA GLU B 49 -21.07 -5.54 -20.38
C GLU B 49 -19.81 -5.84 -19.54
N ALA B 50 -19.97 -6.01 -18.23
CA ALA B 50 -18.86 -6.47 -17.35
C ALA B 50 -18.25 -7.77 -17.82
N ALA B 51 -19.06 -8.65 -18.45
CA ALA B 51 -18.52 -9.92 -18.95
C ALA B 51 -17.48 -9.74 -20.08
N ASP B 52 -17.63 -8.67 -20.88
CA ASP B 52 -16.67 -8.29 -21.91
C ASP B 52 -15.37 -7.83 -21.27
N LEU B 53 -15.46 -7.10 -20.17
CA LEU B 53 -14.28 -6.76 -19.40
C LEU B 53 -13.61 -8.00 -18.80
N ALA B 54 -14.41 -8.89 -18.25
CA ALA B 54 -13.85 -10.11 -17.69
C ALA B 54 -13.03 -10.87 -18.73
N VAL B 55 -13.50 -10.92 -19.95
CA VAL B 55 -12.75 -11.64 -20.97
C VAL B 55 -11.44 -10.93 -21.32
N VAL B 56 -11.42 -9.60 -21.36
CA VAL B 56 -10.19 -8.85 -21.69
C VAL B 56 -9.14 -8.89 -20.54
N LEU B 57 -9.61 -8.94 -19.31
CA LEU B 57 -8.75 -8.77 -18.15
C LEU B 57 -7.47 -9.65 -18.13
N PRO B 58 -7.61 -10.99 -18.26
CA PRO B 58 -6.39 -11.82 -18.27
C PRO B 58 -5.43 -11.44 -19.39
N GLU B 59 -5.97 -11.01 -20.53
CA GLU B 59 -5.12 -10.59 -21.64
C GLU B 59 -4.33 -9.34 -21.26
N LEU B 60 -4.97 -8.46 -20.49
CA LEU B 60 -4.32 -7.21 -20.07
C LEU B 60 -3.18 -7.49 -19.11
N ILE B 61 -3.42 -8.39 -18.17
CA ILE B 61 -2.43 -8.81 -17.23
C ILE B 61 -1.22 -9.45 -17.94
N ASN B 62 -1.51 -10.21 -18.98
CA ASN B 62 -0.48 -10.86 -19.78
C ASN B 62 0.38 -9.88 -20.59
N ALA B 63 -0.19 -8.72 -20.93
CA ALA B 63 0.42 -7.77 -21.82
C ALA B 63 1.54 -6.98 -21.17
N PHE B 64 1.65 -7.05 -19.84
CA PHE B 64 2.68 -6.37 -19.08
C PHE B 64 3.47 -7.37 -18.20
N PRO B 65 4.38 -8.16 -18.81
CA PRO B 65 5.08 -9.20 -18.07
C PRO B 65 5.69 -8.73 -16.76
N GLY B 66 5.34 -9.44 -15.71
CA GLY B 66 5.89 -9.17 -14.37
C GLY B 66 5.36 -7.99 -13.59
N ARG B 67 4.42 -7.22 -14.15
CA ARG B 67 4.02 -5.93 -13.58
C ARG B 67 2.74 -5.93 -12.79
N LEU B 68 1.82 -6.81 -13.15
CA LEU B 68 0.45 -6.79 -12.65
C LEU B 68 0.00 -8.12 -12.09
N VAL B 69 -0.89 -8.03 -11.09
CA VAL B 69 -1.67 -9.14 -10.56
C VAL B 69 -3.15 -8.72 -10.56
N ALA B 70 -4.07 -9.64 -10.83
CA ALA B 70 -5.51 -9.32 -10.96
C ALA B 70 -6.31 -10.09 -9.95
N ALA B 71 -7.42 -9.50 -9.52
CA ALA B 71 -8.40 -10.15 -8.67
C ALA B 71 -9.76 -9.55 -9.01
N GLU B 72 -10.78 -10.39 -8.90
CA GLU B 72 -12.15 -9.96 -9.10
C GLU B 72 -12.73 -9.78 -7.72
N VAL B 73 -13.44 -8.68 -7.52
CA VAL B 73 -14.09 -8.37 -6.28
C VAL B 73 -15.38 -9.19 -6.13
N ALA B 74 -15.49 -9.91 -5.02
CA ALA B 74 -16.69 -10.69 -4.74
C ALA B 74 -17.89 -9.73 -4.64
N ALA B 75 -19.08 -10.15 -5.07
CA ALA B 75 -20.23 -9.28 -5.06
C ALA B 75 -20.44 -8.57 -3.72
N GLU B 76 -20.39 -9.34 -2.62
CA GLU B 76 -20.67 -8.78 -1.27
C GLU B 76 -19.60 -7.77 -0.82
N ALA B 77 -18.42 -7.82 -1.44
CA ALA B 77 -17.31 -6.92 -1.11
C ALA B 77 -17.27 -5.65 -1.96
N GLU B 78 -18.20 -5.53 -2.93
CA GLU B 78 -18.13 -4.42 -3.87
C GLU B 78 -18.26 -3.07 -3.17
N ARG B 79 -19.29 -2.91 -2.34
CA ARG B 79 -19.55 -1.61 -1.68
C ARG B 79 -18.33 -1.16 -0.88
N GLY B 80 -17.81 -2.06 -0.05
CA GLY B 80 -16.70 -1.71 0.84
C GLY B 80 -15.41 -1.47 0.09
N LEU B 81 -15.11 -2.28 -0.92
CA LEU B 81 -13.87 -2.06 -1.67
C LEU B 81 -13.95 -0.90 -2.63
N ALA B 83 -15.44 1.89 -1.83
CA ALA B 83 -15.12 2.97 -0.91
C ALA B 83 -13.63 3.03 -0.62
N ARG B 84 -13.04 1.87 -0.35
CA ARG B 84 -11.64 1.79 0.00
C ARG B 84 -10.75 2.35 -1.09
N PHE B 85 -11.02 1.92 -2.32
CA PHE B 85 -10.15 2.28 -3.46
C PHE B 85 -10.60 3.48 -4.29
N GLY B 86 -11.74 4.07 -3.98
CA GLY B 86 -12.17 5.25 -4.69
C GLY B 86 -12.79 4.97 -6.04
N VAL B 87 -13.67 3.98 -6.09
CA VAL B 87 -14.36 3.54 -7.32
C VAL B 87 -15.85 3.88 -7.24
N ALA B 88 -16.35 4.60 -8.23
CA ALA B 88 -17.75 5.05 -8.23
C ALA B 88 -18.63 4.44 -9.31
N VAL B 89 -18.02 3.70 -10.23
CA VAL B 89 -18.71 3.13 -11.36
C VAL B 89 -18.34 1.65 -11.56
N CYS B 90 -19.34 0.84 -11.93
CA CYS B 90 -19.16 -0.52 -12.43
C CYS B 90 -19.66 -0.62 -13.88
N PRO B 91 -19.09 -1.56 -14.67
CA PRO B 91 -17.91 -2.37 -14.37
C PRO B 91 -16.66 -1.49 -14.45
N SER B 92 -15.58 -1.87 -13.74
CA SER B 92 -14.38 -1.04 -13.78
C SER B 92 -13.16 -1.82 -13.35
N LEU B 93 -12.00 -1.30 -13.70
CA LEU B 93 -10.73 -1.80 -13.17
C LEU B 93 -10.11 -0.73 -12.30
N ALA B 94 -9.92 -1.05 -11.03
CA ALA B 94 -9.12 -0.18 -10.15
C ALA B 94 -7.68 -0.68 -10.13
N VAL B 95 -6.76 0.22 -10.51
CA VAL B 95 -5.34 -0.08 -10.66
C VAL B 95 -4.66 0.57 -9.45
N VAL B 96 -4.10 -0.29 -8.60
CA VAL B 96 -3.72 0.05 -7.22
C VAL B 96 -2.24 -0.30 -6.95
N GLN B 97 -1.46 0.68 -6.50
CA GLN B 97 -0.12 0.43 -5.93
C GLN B 97 -0.35 -0.03 -4.49
N PRO B 98 -0.11 -1.31 -4.20
CA PRO B 98 -0.39 -1.78 -2.85
C PRO B 98 0.55 -1.20 -1.77
N GLU B 99 0.07 -1.27 -0.54
CA GLU B 99 0.86 -0.87 0.61
C GLU B 99 2.10 -1.72 0.66
N ARG B 100 3.23 -1.10 0.93
CA ARG B 100 4.46 -1.85 1.09
C ARG B 100 5.48 -1.21 2.00
N THR B 101 6.33 -2.05 2.57
CA THR B 101 7.41 -1.54 3.44
C THR B 101 8.58 -1.14 2.59
N LEU B 102 8.98 0.11 2.68
CA LEU B 102 10.15 0.64 1.93
C LEU B 102 11.47 0.27 2.57
N GLY B 103 11.46 0.10 3.88
CA GLY B 103 12.63 -0.33 4.59
C GLY B 103 12.42 -0.36 6.09
N VAL B 104 13.35 -1.01 6.77
CA VAL B 104 13.30 -1.09 8.22
C VAL B 104 14.66 -0.67 8.75
N ILE B 105 14.65 0.17 9.76
CA ILE B 105 15.89 0.61 10.42
C ILE B 105 15.96 0.08 11.85
N ALA B 106 16.80 -0.94 12.06
CA ALA B 106 16.69 -1.78 13.24
C ALA B 106 17.68 -1.35 14.32
N LYS B 107 17.19 -1.23 15.55
CA LYS B 107 18.04 -0.84 16.67
C LYS B 107 18.43 0.63 16.59
N ILE B 108 19.05 1.13 17.66
CA ILE B 108 19.34 2.56 17.77
C ILE B 108 20.55 2.95 16.93
N GLN B 109 20.37 3.94 16.06
CA GLN B 109 21.41 4.32 15.10
C GLN B 109 21.68 5.81 15.31
N ASP B 110 22.77 6.36 14.74
CA ASP B 110 23.01 7.80 14.84
C ASP B 110 22.15 8.61 13.86
N TRP B 111 22.11 9.92 14.12
CA TRP B 111 21.24 10.88 13.42
C TRP B 111 21.52 10.96 11.94
N SER B 112 22.81 11.01 11.58
CA SER B 112 23.16 11.07 10.15
C SER B 112 22.83 9.75 9.44
N SER B 113 22.85 8.65 10.18
CA SER B 113 22.50 7.34 9.64
C SER B 113 21.01 7.25 9.37
N TYR B 114 20.17 7.72 10.30
CA TYR B 114 18.73 7.82 10.05
C TYR B 114 18.40 8.72 8.85
N LEU B 115 18.93 9.92 8.84
CA LEU B 115 18.73 10.85 7.72
C LEU B 115 19.13 10.30 6.33
N ALA B 116 20.28 9.62 6.25
CA ALA B 116 20.76 9.02 4.99
C ALA B 116 19.87 7.86 4.53
N GLN B 117 19.53 6.98 5.46
CA GLN B 117 18.68 5.85 5.13
C GLN B 117 17.29 6.30 4.74
N ILE B 118 16.68 7.23 5.46
CA ILE B 118 15.34 7.72 5.07
C ILE B 118 15.36 8.44 3.73
N GLY B 119 16.38 9.30 3.57
CA GLY B 119 16.60 10.02 2.32
C GLY B 119 16.74 9.10 1.15
N ALA B 120 17.47 8.01 1.34
CA ALA B 120 17.61 6.97 0.31
C ALA B 120 16.28 6.35 -0.10
N LEU B 122 13.28 7.68 0.22
CA LEU B 122 12.52 8.73 -0.48
C LEU B 122 13.04 8.96 -1.91
N ALA B 123 14.36 8.94 -2.11
CA ALA B 123 14.96 9.07 -3.43
C ALA B 123 14.48 7.95 -4.38
N GLU B 124 14.42 6.72 -3.86
CA GLU B 124 13.98 5.54 -4.64
C GLU B 124 12.48 5.64 -4.98
N VAL B 125 11.69 6.19 -4.08
CA VAL B 125 10.30 6.52 -4.38
C VAL B 125 10.16 7.53 -5.49
N ASP B 126 10.97 8.58 -5.43
CA ASP B 126 10.84 9.70 -6.38
C ASP B 126 11.44 9.40 -7.75
N GLN B 127 12.41 8.47 -7.80
CA GLN B 127 13.08 8.08 -9.03
C GLN B 127 13.53 6.62 -8.92
N PRO B 128 12.61 5.67 -9.13
CA PRO B 128 12.98 4.24 -8.97
C PRO B 128 14.11 3.80 -9.90
#